data_7NHI
#
_entry.id   7NHI
#
_cell.length_a   63.890
_cell.length_b   63.890
_cell.length_c   225.770
_cell.angle_alpha   90.000
_cell.angle_beta   90.000
_cell.angle_gamma   120.000
#
_symmetry.space_group_name_H-M   'P 32 2 1'
#
loop_
_entity.id
_entity.type
_entity.pdbx_description
1 polymer 'N6-adenosine-methyltransferase catalytic subunit'
2 polymer 'N6-adenosine-methyltransferase non-catalytic subunit'
3 non-polymer (R)-N-((3-hydroxy-1-(6-(methylamino)pyrimidin-4-yl)piperidin-3-yl)methyl)-4-((4-methylpiperidin-1-yl)methyl)benzamide
4 non-polymer 'ACETATE ION'
5 water water
#
loop_
_entity_poly.entity_id
_entity_poly.type
_entity_poly.pdbx_seq_one_letter_code
_entity_poly.pdbx_strand_id
1 'polypeptide(L)'
;MGHHHHHHSSGRENLYFQGALTQSVGGDSSADRLFPPQWICCDIRYLDVSILGKFAVVMADPPWDIHMELPYGTLTDDEM
RRLNIPVLQDDGFLFLWVTGRAMELGRECLNLWGYERVDEIIWVKTNQLQRIIRTGRTGHWLNHGKEHCLVGVKGNPQGF
NQGLDCDVIVAEVRSTSHKPDEIYGMIERLSPGTRKIELFGRPHNVQPNWITLGNQLDGIHLLDPDVVARFKQRYPDGII
SKPKNL
;
A
2 'polypeptide(L)'
;MLKGTQSLNPHNDYCQHFVDTGHRPQNFIRDVGLADRFEEYPKLRELIRLKDELIAKSNTPPMYLQADIEAFDIRELTPK
FDVILLEPPLEEYYRETGITANEKCWTWDDIMKLEIDEIAAPRSFIFLWCGSGEGLDLGRVCLRKWGYRRCEDICWIKTN
KNNPGKTKTLDPKAVFQRTKEHCLMGIKGTVKRSTDGDFIHANVDIDLIITEEPEIGNIEKPVEIFHIIEHFCLGRRRLH
LFGRDSTIRPGWLTVGPTLTNSNYNAETYASYFSAPNSYLTGCTEEIERL
;
B
#
loop_
_chem_comp.id
_chem_comp.type
_chem_comp.name
_chem_comp.formula
ACT non-polymer 'ACETATE ION' 'C2 H3 O2 -1'
UE2 non-polymer (R)-N-((3-hydroxy-1-(6-(methylamino)pyrimidin-4-yl)piperidin-3-yl)methyl)-4-((4-methylpiperidin-1-yl)methyl)benzamide 'C26 H38 N6 O2'
#
# COMPACT_ATOMS: atom_id res chain seq x y z
N LEU A 34 -29.50 -4.90 20.88
CA LEU A 34 -28.34 -4.36 20.21
C LEU A 34 -27.46 -5.42 19.56
N PHE A 35 -26.98 -6.36 20.38
CA PHE A 35 -25.91 -7.28 19.98
C PHE A 35 -26.14 -8.06 18.69
N PRO A 36 -27.32 -8.62 18.38
CA PRO A 36 -27.46 -9.41 17.13
C PRO A 36 -27.31 -8.56 15.89
N PRO A 37 -27.09 -9.17 14.72
CA PRO A 37 -26.89 -8.40 13.48
C PRO A 37 -28.06 -7.47 13.21
N GLN A 38 -27.76 -6.29 12.65
CA GLN A 38 -28.76 -5.29 12.32
C GLN A 38 -28.41 -4.73 10.96
N TRP A 39 -29.42 -4.32 10.19
CA TRP A 39 -29.11 -3.73 8.89
C TRP A 39 -30.23 -2.81 8.40
N ILE A 40 -29.89 -2.00 7.40
CA ILE A 40 -30.81 -1.06 6.76
C ILE A 40 -30.54 -1.12 5.27
N CYS A 41 -31.51 -1.61 4.48
CA CYS A 41 -31.44 -1.44 3.04
C CYS A 41 -31.68 0.03 2.71
N CYS A 42 -30.72 0.66 2.05
CA CYS A 42 -30.82 2.09 1.81
C CYS A 42 -29.80 2.48 0.75
N ASP A 43 -29.99 3.68 0.25
CA ASP A 43 -29.00 4.37 -0.57
C ASP A 43 -28.18 5.21 0.38
N ILE A 44 -26.90 4.85 0.55
CA ILE A 44 -26.09 5.50 1.56
C ILE A 44 -25.91 6.99 1.28
N ARG A 45 -26.11 7.42 0.03
CA ARG A 45 -26.04 8.84 -0.26
C ARG A 45 -27.13 9.63 0.43
N TYR A 46 -28.27 8.98 0.72
CA TYR A 46 -29.47 9.68 1.14
C TYR A 46 -29.92 9.38 2.56
N LEU A 47 -29.47 8.28 3.16
CA LEU A 47 -29.79 8.01 4.56
C LEU A 47 -29.27 9.10 5.48
N ASP A 48 -30.10 9.52 6.40
CA ASP A 48 -29.69 10.43 7.47
C ASP A 48 -28.97 9.60 8.52
N VAL A 49 -27.64 9.49 8.40
CA VAL A 49 -26.91 8.61 9.32
C VAL A 49 -26.79 9.17 10.72
N SER A 50 -27.26 10.40 10.96
CA SER A 50 -27.23 10.92 12.33
C SER A 50 -28.15 10.16 13.27
N ILE A 51 -29.11 9.38 12.75
CA ILE A 51 -29.98 8.60 13.61
C ILE A 51 -29.29 7.37 14.20
N LEU A 52 -28.09 7.02 13.71
CA LEU A 52 -27.49 5.74 14.07
C LEU A 52 -26.64 5.79 15.33
N GLY A 53 -26.36 6.98 15.86
CA GLY A 53 -25.47 7.07 17.00
C GLY A 53 -24.00 7.03 16.58
N LYS A 54 -23.14 6.77 17.57
CA LYS A 54 -21.68 6.80 17.43
C LYS A 54 -21.09 5.40 17.51
N PHE A 55 -20.01 5.17 16.77
CA PHE A 55 -19.44 3.84 16.62
C PHE A 55 -17.95 3.82 16.96
N ALA A 56 -17.52 2.74 17.61
CA ALA A 56 -16.09 2.55 17.85
C ALA A 56 -15.34 2.27 16.56
N VAL A 57 -15.97 1.59 15.59
CA VAL A 57 -15.30 1.22 14.34
C VAL A 57 -16.27 1.39 13.20
N VAL A 58 -15.79 1.98 12.10
CA VAL A 58 -16.50 2.11 10.84
C VAL A 58 -15.70 1.35 9.78
N MET A 59 -16.38 0.54 8.98
CA MET A 59 -15.73 -0.08 7.83
C MET A 59 -16.51 0.29 6.58
N ALA A 60 -15.82 0.63 5.50
CA ALA A 60 -16.50 0.90 4.24
C ALA A 60 -15.78 0.20 3.10
N ASP A 61 -16.56 -0.36 2.18
CA ASP A 61 -16.02 -1.00 0.99
C ASP A 61 -16.73 -0.36 -0.19
N PRO A 62 -16.35 0.89 -0.52
CA PRO A 62 -17.17 1.70 -1.42
C PRO A 62 -17.05 1.24 -2.87
N PRO A 63 -18.08 1.47 -3.68
CA PRO A 63 -18.02 1.24 -5.13
C PRO A 63 -17.36 2.44 -5.81
N TRP A 64 -16.04 2.52 -5.68
CA TRP A 64 -15.30 3.62 -6.25
C TRP A 64 -15.45 3.66 -7.77
N ASP A 65 -15.40 4.88 -8.30
CA ASP A 65 -15.53 5.11 -9.75
C ASP A 65 -14.16 4.96 -10.40
N ILE A 66 -13.75 3.72 -10.57
CA ILE A 66 -12.49 3.41 -11.20
C ILE A 66 -12.76 2.64 -12.49
N TYR A 72 -21.85 -3.43 -10.77
CA TYR A 72 -22.69 -2.67 -9.84
C TYR A 72 -22.59 -1.16 -10.09
N GLY A 73 -23.48 -0.41 -9.45
CA GLY A 73 -23.45 1.04 -9.58
C GLY A 73 -22.40 1.66 -8.66
N THR A 74 -21.81 2.74 -9.14
CA THR A 74 -20.72 3.41 -8.43
C THR A 74 -21.19 4.74 -7.88
N LEU A 75 -20.33 5.34 -7.07
CA LEU A 75 -20.52 6.67 -6.56
C LEU A 75 -19.44 7.55 -7.17
N THR A 76 -19.79 8.79 -7.51
CA THR A 76 -18.78 9.69 -8.04
C THR A 76 -17.84 10.12 -6.92
N ASP A 77 -16.66 10.63 -7.31
CA ASP A 77 -15.73 11.15 -6.31
C ASP A 77 -16.39 12.16 -5.39
N ASP A 78 -17.23 13.04 -5.96
CA ASP A 78 -17.89 14.03 -5.11
C ASP A 78 -18.88 13.40 -4.16
N GLU A 79 -19.63 12.40 -4.63
CA GLU A 79 -20.55 11.70 -3.74
C GLU A 79 -19.80 11.03 -2.59
N MET A 80 -18.66 10.41 -2.90
CA MET A 80 -17.85 9.84 -1.83
C MET A 80 -17.38 10.92 -0.86
N ARG A 81 -16.84 12.02 -1.38
CA ARG A 81 -16.37 13.10 -0.51
C ARG A 81 -17.48 13.59 0.40
N ARG A 82 -18.69 13.69 -0.12
CA ARG A 82 -19.78 14.31 0.61
C ARG A 82 -20.46 13.37 1.61
N LEU A 83 -20.11 12.09 1.63
CA LEU A 83 -20.71 11.18 2.60
C LEU A 83 -20.52 11.70 4.02
N ASN A 84 -21.58 11.62 4.83
CA ASN A 84 -21.53 12.19 6.16
C ASN A 84 -20.85 11.23 7.14
N ILE A 85 -19.65 10.76 6.76
CA ILE A 85 -18.84 9.96 7.68
C ILE A 85 -18.54 10.71 8.98
N PRO A 86 -18.29 12.03 8.98
CA PRO A 86 -17.87 12.68 10.24
C PRO A 86 -18.83 12.54 11.41
N VAL A 87 -20.14 12.33 11.19
CA VAL A 87 -21.06 12.21 12.33
C VAL A 87 -21.03 10.82 12.97
N LEU A 88 -20.41 9.84 12.33
CA LEU A 88 -20.51 8.47 12.82
C LEU A 88 -19.61 8.18 14.00
N GLN A 89 -18.55 8.96 14.24
CA GLN A 89 -17.61 8.66 15.29
C GLN A 89 -17.14 9.93 15.99
N ASP A 90 -16.79 9.78 17.27
CA ASP A 90 -16.04 10.76 18.04
C ASP A 90 -14.59 10.33 18.22
N ASP A 91 -14.37 9.09 18.65
CA ASP A 91 -13.04 8.54 18.86
C ASP A 91 -13.05 7.09 18.38
N GLY A 92 -12.31 6.81 17.32
CA GLY A 92 -12.15 5.41 16.95
C GLY A 92 -11.49 5.29 15.59
N PHE A 93 -11.74 4.15 14.97
CA PHE A 93 -11.01 3.75 13.78
C PHE A 93 -11.96 3.54 12.59
N LEU A 94 -11.44 3.85 11.42
CA LEU A 94 -12.09 3.63 10.13
C LEU A 94 -11.26 2.66 9.30
N PHE A 95 -11.93 1.66 8.72
CA PHE A 95 -11.31 0.71 7.80
C PHE A 95 -11.89 0.96 6.42
N LEU A 96 -11.03 1.29 5.45
CA LEU A 96 -11.48 1.77 4.15
C LEU A 96 -10.79 0.99 3.04
N TRP A 97 -11.54 0.13 2.35
CA TRP A 97 -10.97 -0.67 1.28
C TRP A 97 -10.77 0.20 0.06
N VAL A 98 -9.62 0.03 -0.60
CA VAL A 98 -9.22 0.87 -1.73
C VAL A 98 -8.55 0.00 -2.79
N THR A 99 -8.66 0.44 -4.03
CA THR A 99 -7.96 -0.22 -5.12
C THR A 99 -7.75 0.80 -6.23
N GLY A 100 -6.79 0.52 -7.08
CA GLY A 100 -6.49 1.42 -8.20
C GLY A 100 -6.31 2.85 -7.74
N ARG A 101 -6.98 3.79 -8.41
CA ARG A 101 -6.76 5.18 -8.04
C ARG A 101 -7.46 5.57 -6.75
N ALA A 102 -8.36 4.72 -6.22
CA ALA A 102 -8.90 4.99 -4.90
C ALA A 102 -7.85 4.84 -3.81
N MET A 103 -6.70 4.26 -4.14
CA MET A 103 -5.60 4.29 -3.20
C MET A 103 -5.28 5.74 -2.82
N GLU A 104 -5.41 6.65 -3.77
CA GLU A 104 -5.22 8.06 -3.52
C GLU A 104 -6.52 8.76 -3.14
N LEU A 105 -7.60 8.47 -3.87
CA LEU A 105 -8.87 9.14 -3.57
C LEU A 105 -9.36 8.74 -2.19
N GLY A 106 -9.14 7.48 -1.80
CA GLY A 106 -9.53 7.06 -0.47
C GLY A 106 -8.73 7.79 0.61
N ARG A 107 -7.45 8.09 0.35
CA ARG A 107 -6.69 8.88 1.31
C ARG A 107 -7.25 10.30 1.41
N GLU A 108 -7.62 10.88 0.27
CA GLU A 108 -8.27 12.19 0.28
C GLU A 108 -9.55 12.16 1.15
N CYS A 109 -10.44 11.20 0.90
CA CYS A 109 -11.69 11.11 1.68
C CYS A 109 -11.39 10.92 3.16
N LEU A 110 -10.51 9.96 3.48
CA LEU A 110 -10.11 9.72 4.85
C LEU A 110 -9.77 11.03 5.56
N ASN A 111 -8.91 11.85 4.95
CA ASN A 111 -8.49 13.11 5.58
C ASN A 111 -9.63 14.13 5.58
N LEU A 112 -10.37 14.22 4.49
CA LEU A 112 -11.51 15.14 4.45
C LEU A 112 -12.48 14.82 5.57
N TRP A 113 -12.75 13.54 5.79
CA TRP A 113 -13.69 13.16 6.83
C TRP A 113 -13.15 13.39 8.23
N GLY A 114 -11.88 13.77 8.39
CA GLY A 114 -11.31 14.02 9.70
C GLY A 114 -10.47 12.90 10.29
N TYR A 115 -9.95 11.99 9.48
CA TYR A 115 -9.12 10.89 9.96
C TYR A 115 -7.67 11.08 9.53
N GLU A 116 -6.75 10.57 10.35
CA GLU A 116 -5.35 10.35 9.98
C GLU A 116 -5.13 8.88 9.64
N ARG A 117 -4.47 8.60 8.53
CA ARG A 117 -4.20 7.21 8.16
C ARG A 117 -3.02 6.71 8.97
N VAL A 118 -3.25 5.73 9.84
CA VAL A 118 -2.23 5.22 10.74
C VAL A 118 -1.85 3.76 10.47
N ASP A 119 -2.53 3.07 9.56
CA ASP A 119 -2.12 1.72 9.19
C ASP A 119 -2.67 1.40 7.83
N GLU A 120 -2.20 0.29 7.26
CA GLU A 120 -2.72 -0.16 5.98
C GLU A 120 -2.63 -1.68 5.96
N ILE A 121 -3.78 -2.34 6.06
CA ILE A 121 -3.85 -3.79 5.98
C ILE A 121 -3.78 -4.23 4.53
N ILE A 122 -3.05 -5.30 4.25
CA ILE A 122 -3.16 -5.91 2.92
C ILE A 122 -3.66 -7.33 3.09
N TRP A 123 -4.55 -7.72 2.20
CA TRP A 123 -5.06 -9.08 2.17
C TRP A 123 -4.40 -9.79 0.99
N VAL A 124 -3.54 -10.75 1.29
CA VAL A 124 -2.93 -11.60 0.27
C VAL A 124 -3.94 -12.68 -0.10
N LYS A 125 -4.35 -12.72 -1.36
CA LYS A 125 -5.41 -13.62 -1.78
C LYS A 125 -4.80 -14.96 -2.19
N THR A 126 -5.27 -16.03 -1.57
CA THR A 126 -4.80 -17.37 -1.88
C THR A 126 -5.95 -18.22 -2.40
N ASN A 127 -5.59 -19.39 -2.93
CA ASN A 127 -6.56 -20.45 -3.21
C ASN A 127 -6.68 -21.35 -1.98
N GLN A 128 -7.36 -22.49 -2.14
CA GLN A 128 -7.54 -23.40 -1.02
C GLN A 128 -6.24 -24.07 -0.60
N LEU A 129 -5.18 -24.02 -1.42
CA LEU A 129 -3.90 -24.62 -1.08
C LEU A 129 -2.86 -23.57 -0.64
N GLN A 130 -3.32 -22.37 -0.27
CA GLN A 130 -2.43 -21.29 0.21
C GLN A 130 -1.40 -20.85 -0.85
N ARG A 131 -1.77 -20.90 -2.11
CA ARG A 131 -0.96 -20.31 -3.17
C ARG A 131 -1.59 -18.99 -3.59
N ILE A 132 -0.74 -17.99 -3.86
CA ILE A 132 -1.24 -16.67 -4.21
C ILE A 132 -1.99 -16.74 -5.53
N ILE A 133 -3.13 -16.08 -5.58
CA ILE A 133 -3.91 -15.95 -6.80
C ILE A 133 -3.49 -14.71 -7.58
N GLY A 139 -4.16 -1.65 -12.97
CA GLY A 139 -2.80 -2.11 -12.77
C GLY A 139 -2.32 -3.00 -13.90
N HIS A 140 -1.66 -2.40 -14.89
CA HIS A 140 -1.26 -3.12 -16.10
C HIS A 140 0.24 -3.33 -16.19
N TRP A 141 0.99 -3.05 -15.12
CA TRP A 141 2.41 -3.34 -15.10
C TRP A 141 2.74 -4.61 -14.36
N LEU A 142 1.97 -4.92 -13.31
CA LEU A 142 2.19 -6.07 -12.45
C LEU A 142 0.87 -6.78 -12.22
N ASN A 143 0.93 -8.10 -12.02
CA ASN A 143 -0.26 -8.80 -11.56
C ASN A 143 -0.47 -8.47 -10.09
N HIS A 144 -1.73 -8.49 -9.66
CA HIS A 144 -2.09 -8.03 -8.32
C HIS A 144 -2.39 -9.22 -7.42
N GLY A 145 -1.61 -9.36 -6.35
CA GLY A 145 -1.81 -10.45 -5.42
C GLY A 145 -2.51 -10.05 -4.13
N LYS A 146 -3.01 -8.82 -4.02
CA LYS A 146 -3.47 -8.33 -2.73
C LYS A 146 -4.53 -7.26 -2.92
N GLU A 147 -5.31 -7.04 -1.86
CA GLU A 147 -6.19 -5.88 -1.75
C GLU A 147 -5.75 -5.07 -0.55
N HIS A 148 -5.98 -3.77 -0.59
CA HIS A 148 -5.57 -2.85 0.44
C HIS A 148 -6.75 -2.34 1.25
N CYS A 149 -6.54 -2.18 2.55
CA CYS A 149 -7.57 -1.60 3.43
C CYS A 149 -6.89 -0.57 4.31
N LEU A 150 -7.18 0.71 4.06
CA LEU A 150 -6.62 1.79 4.84
C LEU A 150 -7.23 1.80 6.23
N VAL A 151 -6.43 2.18 7.22
CA VAL A 151 -6.89 2.25 8.61
C VAL A 151 -6.71 3.69 9.08
N GLY A 152 -7.81 4.39 9.36
CA GLY A 152 -7.76 5.76 9.84
C GLY A 152 -8.16 5.90 11.31
N VAL A 153 -7.59 6.90 11.99
CA VAL A 153 -7.97 7.14 13.38
C VAL A 153 -8.56 8.54 13.48
N LYS A 154 -9.55 8.68 14.35
CA LYS A 154 -10.20 9.92 14.68
C LYS A 154 -10.21 10.09 16.18
N GLY A 155 -9.91 11.31 16.63
CA GLY A 155 -9.83 11.58 18.06
C GLY A 155 -8.70 10.79 18.71
N ASN A 156 -8.97 10.32 19.92
CA ASN A 156 -7.99 9.55 20.70
C ASN A 156 -8.69 8.34 21.29
N PRO A 157 -8.80 7.26 20.53
CA PRO A 157 -9.47 6.07 21.06
C PRO A 157 -8.76 5.52 22.29
N GLN A 158 -9.55 5.22 23.31
CA GLN A 158 -8.99 4.64 24.52
C GLN A 158 -9.58 3.27 24.78
N GLY A 159 -8.73 2.36 25.22
CA GLY A 159 -9.17 1.03 25.61
C GLY A 159 -9.25 0.04 24.47
N PHE A 160 -8.61 0.33 23.35
CA PHE A 160 -8.52 -0.58 22.23
C PHE A 160 -7.26 -1.41 22.36
N ASN A 161 -7.31 -2.65 21.88
CA ASN A 161 -6.18 -3.57 21.99
C ASN A 161 -5.31 -3.50 20.74
N GLN A 162 -4.57 -2.40 20.66
CA GLN A 162 -3.69 -2.19 19.52
C GLN A 162 -2.50 -3.12 19.57
N GLY A 163 -2.14 -3.69 18.42
CA GLY A 163 -0.97 -4.54 18.32
C GLY A 163 -1.21 -6.01 18.49
N LEU A 164 -2.46 -6.45 18.65
CA LEU A 164 -2.75 -7.87 18.78
C LEU A 164 -2.58 -8.60 17.46
N ASP A 165 -3.15 -8.04 16.39
CA ASP A 165 -2.96 -8.63 15.07
C ASP A 165 -1.89 -7.87 14.29
N CYS A 166 -1.43 -8.51 13.22
CA CYS A 166 -0.53 -7.82 12.31
C CYS A 166 -1.32 -7.35 11.09
N ASP A 167 -0.63 -6.62 10.20
CA ASP A 167 -1.28 -5.95 9.11
C ASP A 167 -1.32 -6.76 7.82
N VAL A 168 -1.09 -8.06 7.86
CA VAL A 168 -1.23 -8.90 6.67
C VAL A 168 -2.29 -9.96 6.94
N ILE A 169 -3.26 -10.09 6.02
CA ILE A 169 -4.25 -11.17 6.02
C ILE A 169 -3.91 -12.13 4.89
N VAL A 170 -3.86 -13.42 5.22
CA VAL A 170 -3.73 -14.49 4.22
C VAL A 170 -5.04 -15.28 4.28
N ALA A 171 -5.84 -15.17 3.21
CA ALA A 171 -7.15 -15.81 3.19
C ALA A 171 -7.58 -16.05 1.75
N GLU A 172 -8.52 -16.98 1.60
CA GLU A 172 -8.90 -17.47 0.28
C GLU A 172 -9.91 -16.53 -0.36
N VAL A 173 -9.74 -16.27 -1.65
CA VAL A 173 -10.76 -15.57 -2.41
C VAL A 173 -12.04 -16.40 -2.38
N ARG A 174 -13.14 -15.78 -1.95
CA ARG A 174 -14.43 -16.49 -1.87
C ARG A 174 -15.22 -16.26 -3.15
N SER A 175 -15.73 -15.05 -3.33
CA SER A 175 -16.44 -14.69 -4.54
C SER A 175 -16.08 -13.27 -4.90
N THR A 176 -16.53 -12.82 -6.06
CA THR A 176 -16.12 -11.51 -6.55
C THR A 176 -16.61 -10.42 -5.61
N SER A 177 -15.69 -9.54 -5.21
CA SER A 177 -15.94 -8.43 -4.31
C SER A 177 -16.28 -8.84 -2.89
N HIS A 178 -16.01 -10.09 -2.50
CA HIS A 178 -16.26 -10.53 -1.13
C HIS A 178 -14.98 -10.33 -0.31
N LYS A 179 -15.07 -9.54 0.76
CA LYS A 179 -13.86 -9.34 1.57
C LYS A 179 -13.71 -10.49 2.56
N PRO A 180 -12.49 -10.74 3.06
CA PRO A 180 -12.29 -11.88 3.97
C PRO A 180 -12.96 -11.67 5.31
N ASP A 181 -13.54 -12.76 5.86
CA ASP A 181 -14.19 -12.66 7.17
C ASP A 181 -13.19 -12.43 8.30
N GLU A 182 -11.92 -12.77 8.09
CA GLU A 182 -10.89 -12.50 9.08
C GLU A 182 -10.89 -11.04 9.56
N ILE A 183 -11.28 -10.08 8.71
CA ILE A 183 -11.24 -8.68 9.13
C ILE A 183 -12.18 -8.43 10.32
N TYR A 184 -13.33 -9.12 10.38
CA TYR A 184 -14.23 -8.91 11.52
C TYR A 184 -13.60 -9.40 12.82
N GLY A 185 -12.87 -10.51 12.75
CA GLY A 185 -12.19 -11.02 13.93
C GLY A 185 -11.09 -10.09 14.42
N MET A 186 -10.28 -9.57 13.49
CA MET A 186 -9.26 -8.57 13.86
C MET A 186 -9.91 -7.37 14.51
N ILE A 187 -11.04 -6.93 13.96
CA ILE A 187 -11.70 -5.74 14.50
C ILE A 187 -12.31 -6.03 15.85
N GLU A 188 -12.82 -7.24 16.04
CA GLU A 188 -13.44 -7.56 17.32
C GLU A 188 -12.39 -7.69 18.43
N ARG A 189 -11.24 -8.27 18.11
CA ARG A 189 -10.17 -8.33 19.11
C ARG A 189 -9.63 -6.94 19.43
N LEU A 190 -9.59 -6.06 18.42
CA LEU A 190 -9.12 -4.70 18.64
C LEU A 190 -10.07 -3.92 19.54
N SER A 191 -11.38 -4.18 19.40
CA SER A 191 -12.41 -3.39 20.08
C SER A 191 -13.57 -4.30 20.44
N PRO A 192 -13.39 -5.15 21.47
CA PRO A 192 -14.42 -6.14 21.78
C PRO A 192 -15.67 -5.52 22.37
N GLY A 193 -16.81 -6.04 21.92
CA GLY A 193 -18.10 -5.70 22.50
C GLY A 193 -18.70 -4.38 22.05
N THR A 194 -17.95 -3.52 21.35
CA THR A 194 -18.38 -2.17 20.99
C THR A 194 -19.28 -2.17 19.76
N ARG A 195 -19.94 -1.02 19.54
CA ARG A 195 -20.83 -0.80 18.40
C ARG A 195 -20.04 -0.53 17.13
N LYS A 196 -20.36 -1.23 16.03
CA LYS A 196 -19.65 -1.05 14.77
C LYS A 196 -20.65 -0.88 13.63
N ILE A 197 -20.20 -0.22 12.55
CA ILE A 197 -21.08 0.03 11.41
C ILE A 197 -20.30 -0.23 10.13
N GLU A 198 -20.93 -0.94 9.19
CA GLU A 198 -20.35 -1.24 7.89
C GLU A 198 -21.16 -0.53 6.82
N LEU A 199 -20.47 0.16 5.91
CA LEU A 199 -21.08 0.85 4.78
C LEU A 199 -20.82 0.08 3.50
N PHE A 200 -21.85 -0.05 2.67
CA PHE A 200 -21.78 -0.78 1.40
C PHE A 200 -21.56 -2.27 1.60
N GLY A 201 -22.12 -2.80 2.68
CA GLY A 201 -22.09 -4.23 2.90
C GLY A 201 -23.22 -4.93 2.17
N ARG A 202 -23.09 -6.25 2.08
CA ARG A 202 -24.08 -7.12 1.46
C ARG A 202 -24.63 -8.06 2.53
N PRO A 203 -25.71 -8.82 2.26
CA PRO A 203 -26.31 -9.64 3.32
C PRO A 203 -25.33 -10.57 4.02
N HIS A 204 -24.37 -11.15 3.30
CA HIS A 204 -23.40 -12.01 3.96
C HIS A 204 -22.47 -11.26 4.91
N ASN A 205 -22.45 -9.92 4.89
CA ASN A 205 -21.59 -9.16 5.80
C ASN A 205 -22.22 -8.90 7.16
N VAL A 206 -23.50 -9.17 7.36
CA VAL A 206 -24.11 -8.84 8.65
C VAL A 206 -23.46 -9.68 9.74
N GLN A 207 -23.22 -9.06 10.89
CA GLN A 207 -22.42 -9.61 11.98
C GLN A 207 -22.99 -9.11 13.30
N PRO A 208 -22.84 -9.89 14.38
CA PRO A 208 -23.22 -9.37 15.69
C PRO A 208 -22.34 -8.19 16.03
N ASN A 209 -22.93 -7.21 16.73
CA ASN A 209 -22.31 -5.96 17.13
C ASN A 209 -22.21 -4.98 15.95
N TRP A 210 -22.60 -5.37 14.74
CA TRP A 210 -22.51 -4.50 13.59
C TRP A 210 -23.90 -4.10 13.11
N ILE A 211 -23.99 -2.89 12.57
CA ILE A 211 -25.12 -2.43 11.77
C ILE A 211 -24.62 -2.31 10.35
N THR A 212 -25.27 -2.98 9.41
CA THR A 212 -24.81 -3.00 8.03
C THR A 212 -25.71 -2.13 7.15
N LEU A 213 -25.11 -1.26 6.34
CA LEU A 213 -25.85 -0.45 5.39
C LEU A 213 -25.44 -0.81 3.97
N GLY A 214 -26.43 -0.89 3.09
CA GLY A 214 -26.17 -1.21 1.70
C GLY A 214 -27.48 -1.32 0.94
N ASN A 215 -27.45 -1.14 -0.37
CA ASN A 215 -28.70 -1.10 -1.13
C ASN A 215 -29.13 -2.47 -1.65
N GLN A 216 -28.40 -3.55 -1.34
CA GLN A 216 -28.83 -4.89 -1.70
C GLN A 216 -29.19 -5.73 -0.47
N LEU A 217 -29.37 -5.09 0.67
CA LEU A 217 -29.86 -5.76 1.87
C LEU A 217 -31.37 -5.94 1.77
N ASP A 218 -31.88 -6.85 2.58
CA ASP A 218 -33.30 -7.19 2.59
C ASP A 218 -34.00 -6.41 3.69
N GLY A 219 -34.60 -5.28 3.32
CA GLY A 219 -35.39 -4.53 4.25
C GLY A 219 -34.59 -3.85 5.37
N ILE A 220 -35.32 -3.55 6.45
CA ILE A 220 -34.76 -2.90 7.63
C ILE A 220 -34.89 -3.87 8.80
N HIS A 221 -33.79 -4.09 9.53
CA HIS A 221 -33.82 -4.98 10.70
C HIS A 221 -33.05 -4.30 11.83
N LEU A 222 -33.77 -3.61 12.71
CA LEU A 222 -33.17 -2.81 13.77
C LEU A 222 -33.69 -3.29 15.12
N LEU A 223 -32.77 -3.45 16.06
CA LEU A 223 -33.03 -4.06 17.36
C LEU A 223 -32.65 -3.17 18.52
N ASP A 224 -31.62 -2.34 18.36
CA ASP A 224 -31.21 -1.36 19.34
C ASP A 224 -32.33 -0.34 19.61
N PRO A 225 -32.84 -0.25 20.84
CA PRO A 225 -33.97 0.66 21.09
C PRO A 225 -33.68 2.12 20.77
N ASP A 226 -32.46 2.60 21.04
CA ASP A 226 -32.14 3.99 20.71
C ASP A 226 -32.23 4.24 19.21
N VAL A 227 -31.73 3.30 18.41
CA VAL A 227 -31.77 3.46 16.96
C VAL A 227 -33.20 3.32 16.45
N VAL A 228 -33.94 2.35 16.96
CA VAL A 228 -35.34 2.16 16.56
C VAL A 228 -36.12 3.45 16.79
N ALA A 229 -35.96 4.05 17.97
CA ALA A 229 -36.68 5.29 18.29
C ALA A 229 -36.32 6.40 17.32
N ARG A 230 -35.02 6.62 17.08
CA ARG A 230 -34.64 7.72 16.22
C ARG A 230 -35.02 7.46 14.76
N PHE A 231 -35.04 6.19 14.35
CA PHE A 231 -35.47 5.88 12.99
C PHE A 231 -36.96 6.17 12.80
N LYS A 232 -37.78 5.77 13.76
CA LYS A 232 -39.22 6.05 13.67
C LYS A 232 -39.50 7.54 13.62
N GLN A 233 -38.89 8.32 14.53
CA GLN A 233 -39.07 9.76 14.49
C GLN A 233 -38.65 10.34 13.14
N ARG A 234 -37.45 9.99 12.68
CA ARG A 234 -36.94 10.54 11.42
C ARG A 234 -37.68 10.00 10.20
N TYR A 235 -38.12 8.74 10.23
CA TYR A 235 -38.74 8.08 9.08
C TYR A 235 -40.07 7.47 9.50
N PRO A 236 -41.07 8.30 9.81
CA PRO A 236 -42.34 7.75 10.33
C PRO A 236 -43.02 6.77 9.39
N ASP A 237 -42.89 6.96 8.08
CA ASP A 237 -43.51 6.08 7.09
C ASP A 237 -42.54 5.03 6.55
N GLY A 238 -41.34 4.93 7.13
CA GLY A 238 -40.39 3.92 6.74
C GLY A 238 -39.69 4.13 5.42
N ILE A 239 -39.80 5.33 4.83
CA ILE A 239 -39.25 5.60 3.50
C ILE A 239 -38.06 6.55 3.64
N ILE A 240 -37.03 6.31 2.84
CA ILE A 240 -35.78 7.06 2.86
C ILE A 240 -35.54 7.58 1.45
N SER A 241 -35.69 8.90 1.25
CA SER A 241 -35.72 9.44 -0.11
C SER A 241 -34.59 10.42 -0.42
N LYS A 242 -34.71 11.67 -0.01
CA LYS A 242 -33.76 12.69 -0.43
C LYS A 242 -32.69 12.94 0.63
N ASN B 12 -7.57 -22.17 7.72
CA ASN B 12 -8.65 -21.27 8.14
C ASN B 12 -8.11 -19.91 8.62
N ASP B 13 -8.33 -19.52 9.88
CA ASP B 13 -8.03 -18.16 10.32
C ASP B 13 -6.59 -17.98 10.80
N TYR B 14 -5.72 -17.55 9.88
CA TYR B 14 -4.33 -17.30 10.22
C TYR B 14 -4.15 -16.05 11.08
N CYS B 15 -5.12 -15.13 11.08
CA CYS B 15 -5.03 -14.00 12.01
C CYS B 15 -5.15 -14.46 13.46
N GLN B 16 -6.20 -15.24 13.77
CA GLN B 16 -6.30 -15.90 15.07
C GLN B 16 -5.03 -16.68 15.39
N HIS B 17 -4.55 -17.48 14.45
CA HIS B 17 -3.31 -18.24 14.65
C HIS B 17 -2.13 -17.32 15.00
N PHE B 18 -2.01 -16.15 14.36
CA PHE B 18 -0.95 -15.25 14.75
C PHE B 18 -1.13 -14.76 16.19
N VAL B 19 -2.38 -14.48 16.56
CA VAL B 19 -2.66 -14.07 17.93
C VAL B 19 -2.33 -15.19 18.90
N ASP B 20 -2.56 -16.43 18.49
CA ASP B 20 -2.38 -17.61 19.35
C ASP B 20 -0.91 -18.00 19.49
N THR B 21 -0.12 -17.81 18.43
CA THR B 21 1.21 -18.41 18.34
C THR B 21 2.34 -17.45 17.98
N GLY B 22 2.05 -16.27 17.46
CA GLY B 22 3.11 -15.38 16.99
C GLY B 22 3.62 -15.66 15.60
N HIS B 23 3.13 -16.71 14.94
CA HIS B 23 3.48 -16.97 13.55
C HIS B 23 2.65 -16.05 12.65
N ARG B 24 3.33 -15.22 11.87
CA ARG B 24 2.63 -14.30 10.98
C ARG B 24 1.88 -15.08 9.90
N PRO B 25 0.73 -14.57 9.47
CA PRO B 25 -0.02 -15.28 8.42
C PRO B 25 0.78 -15.55 7.16
N GLN B 26 1.68 -14.64 6.76
CA GLN B 26 2.47 -14.83 5.55
C GLN B 26 3.42 -16.03 5.66
N ASN B 27 3.67 -16.53 6.87
CA ASN B 27 4.48 -17.73 7.04
C ASN B 27 3.86 -18.95 6.36
N PHE B 28 2.56 -18.94 6.10
CA PHE B 28 1.87 -20.10 5.53
C PHE B 28 1.53 -19.96 4.06
N ILE B 29 1.94 -18.88 3.41
CA ILE B 29 1.90 -18.83 1.96
C ILE B 29 2.85 -19.85 1.39
N ARG B 30 2.37 -20.66 0.45
CA ARG B 30 3.17 -21.68 -0.20
C ARG B 30 3.65 -21.21 -1.56
N ASP B 31 4.77 -21.78 -2.01
CA ASP B 31 5.36 -21.48 -3.33
C ASP B 31 5.84 -20.04 -3.43
N ARG B 45 5.72 -21.03 -18.91
CA ARG B 45 6.62 -21.27 -17.79
C ARG B 45 7.94 -21.72 -18.36
N GLU B 46 9.02 -21.45 -17.63
CA GLU B 46 10.40 -21.83 -17.96
C GLU B 46 11.00 -20.99 -19.10
N LEU B 47 10.45 -19.79 -19.35
CA LEU B 47 10.96 -18.92 -20.40
C LEU B 47 11.52 -17.59 -19.89
N ILE B 48 11.27 -17.23 -18.64
CA ILE B 48 11.72 -15.95 -18.08
C ILE B 48 13.17 -16.09 -17.64
N ARG B 49 14.02 -16.61 -18.54
CA ARG B 49 15.45 -16.74 -18.32
C ARG B 49 16.30 -16.36 -19.52
N LEU B 50 15.82 -16.59 -20.75
CA LEU B 50 16.41 -15.93 -21.91
C LEU B 50 16.23 -14.43 -21.81
N LYS B 51 15.12 -13.98 -21.22
CA LYS B 51 14.96 -12.57 -20.91
C LYS B 51 16.03 -12.12 -19.93
N ASP B 52 16.19 -12.87 -18.82
CA ASP B 52 17.25 -12.56 -17.88
C ASP B 52 18.61 -12.49 -18.58
N GLU B 53 18.84 -13.37 -19.55
CA GLU B 53 20.11 -13.36 -20.28
C GLU B 53 20.23 -12.12 -21.15
N LEU B 54 19.15 -11.72 -21.81
CA LEU B 54 19.16 -10.53 -22.64
C LEU B 54 19.43 -9.29 -21.80
N ILE B 55 18.75 -9.20 -20.64
CA ILE B 55 19.04 -8.14 -19.68
C ILE B 55 20.51 -8.13 -19.32
N ALA B 56 21.05 -9.31 -18.97
CA ALA B 56 22.45 -9.38 -18.56
C ALA B 56 23.36 -8.94 -19.71
N LYS B 57 23.03 -9.33 -20.95
CA LYS B 57 23.87 -8.99 -22.07
C LYS B 57 23.80 -7.51 -22.41
N SER B 58 22.67 -6.87 -22.15
CA SER B 58 22.58 -5.47 -22.50
C SER B 58 23.04 -4.54 -21.37
N ASN B 59 23.19 -5.03 -20.14
CA ASN B 59 23.52 -4.14 -19.02
C ASN B 59 24.82 -3.37 -19.28
N THR B 60 24.81 -2.09 -18.91
CA THR B 60 26.04 -1.31 -18.85
C THR B 60 26.91 -1.86 -17.71
N PRO B 61 28.20 -1.58 -17.73
CA PRO B 61 29.04 -1.82 -16.57
C PRO B 61 28.42 -1.21 -15.32
N PRO B 62 28.64 -1.79 -14.14
CA PRO B 62 28.20 -1.10 -12.92
C PRO B 62 28.98 0.18 -12.73
N MET B 63 28.27 1.24 -12.37
CA MET B 63 28.89 2.54 -12.13
C MET B 63 28.43 3.03 -10.78
N TYR B 64 29.27 3.79 -10.09
CA TYR B 64 28.92 4.10 -8.73
C TYR B 64 29.69 5.33 -8.29
N LEU B 65 29.07 6.10 -7.40
CA LEU B 65 29.65 7.36 -7.01
C LEU B 65 29.31 7.59 -5.55
N GLN B 66 30.32 7.83 -4.75
CA GLN B 66 30.08 8.20 -3.38
C GLN B 66 29.78 9.70 -3.33
N ALA B 67 28.66 10.06 -2.71
CA ALA B 67 28.20 11.45 -2.73
C ALA B 67 27.27 11.67 -1.56
N ASP B 68 27.47 12.76 -0.84
CA ASP B 68 26.52 13.17 0.19
C ASP B 68 25.37 13.86 -0.52
N ILE B 69 24.27 13.11 -0.68
CA ILE B 69 23.18 13.55 -1.55
C ILE B 69 22.55 14.85 -1.02
N GLU B 70 22.61 15.10 0.29
CA GLU B 70 22.04 16.34 0.81
C GLU B 70 22.81 17.55 0.31
N ALA B 71 24.14 17.47 0.30
CA ALA B 71 25.02 18.56 -0.12
C ALA B 71 25.34 18.52 -1.60
N PHE B 72 24.92 17.47 -2.29
CA PHE B 72 25.28 17.24 -3.68
C PHE B 72 24.28 17.93 -4.59
N ASP B 73 24.77 18.60 -5.62
CA ASP B 73 23.88 19.12 -6.66
C ASP B 73 23.51 17.94 -7.55
N ILE B 74 22.25 17.51 -7.45
CA ILE B 74 21.82 16.29 -8.12
C ILE B 74 21.94 16.41 -9.63
N ARG B 75 21.95 17.63 -10.16
CA ARG B 75 22.03 17.84 -11.61
C ARG B 75 23.35 17.38 -12.22
N GLU B 76 24.39 17.13 -11.42
CA GLU B 76 25.65 16.63 -11.99
C GLU B 76 25.53 15.19 -12.45
N LEU B 77 24.47 14.48 -12.06
CA LEU B 77 24.16 13.14 -12.55
C LEU B 77 23.45 13.26 -13.89
N THR B 78 24.14 12.90 -14.96
CA THR B 78 23.62 12.95 -16.32
C THR B 78 24.02 11.68 -17.03
N PRO B 79 23.24 11.26 -18.05
CA PRO B 79 22.06 11.97 -18.55
C PRO B 79 20.79 11.73 -17.72
N LYS B 80 19.64 12.14 -18.22
CA LYS B 80 18.41 11.92 -17.48
C LYS B 80 18.09 10.43 -17.48
N PHE B 81 17.46 9.97 -16.41
CA PHE B 81 17.37 8.54 -16.15
C PHE B 81 16.03 7.96 -16.58
N ASP B 82 16.07 6.71 -17.06
CA ASP B 82 14.83 6.03 -17.40
C ASP B 82 14.16 5.45 -16.18
N VAL B 83 14.93 5.02 -15.19
CA VAL B 83 14.42 4.42 -13.96
C VAL B 83 15.22 4.99 -12.80
N ILE B 84 14.54 5.35 -11.72
CA ILE B 84 15.18 5.83 -10.50
C ILE B 84 14.67 4.96 -9.36
N LEU B 85 15.57 4.27 -8.66
CA LEU B 85 15.25 3.56 -7.43
C LEU B 85 15.75 4.39 -6.26
N LEU B 86 14.85 4.79 -5.38
CA LEU B 86 15.17 5.74 -4.31
C LEU B 86 14.92 5.06 -2.98
N GLU B 87 15.98 4.93 -2.17
CA GLU B 87 15.94 4.13 -0.95
C GLU B 87 16.47 4.96 0.23
N PRO B 88 15.84 6.09 0.52
CA PRO B 88 16.34 6.94 1.61
C PRO B 88 16.28 6.24 2.95
N PRO B 89 17.32 6.40 3.76
CA PRO B 89 17.39 5.69 5.04
C PRO B 89 16.48 6.30 6.09
N LEU B 90 15.29 5.73 6.24
CA LEU B 90 14.29 6.24 7.16
C LEU B 90 14.62 5.85 8.59
N GLU B 91 14.24 6.71 9.55
CA GLU B 91 14.47 6.42 10.97
C GLU B 91 13.79 5.13 11.39
N GLU B 92 12.61 4.82 10.83
CA GLU B 92 11.92 3.61 11.22
C GLU B 92 12.73 2.35 10.89
N TYR B 93 13.66 2.43 9.94
CA TYR B 93 14.51 1.28 9.65
C TYR B 93 15.49 0.98 10.78
N TYR B 94 15.73 1.94 11.66
CA TYR B 94 16.64 1.76 12.79
C TYR B 94 15.82 1.76 14.08
N ARG B 95 15.00 0.72 14.23
CA ARG B 95 14.20 0.56 15.43
C ARG B 95 15.13 0.28 16.60
N GLU B 96 15.64 -0.94 16.68
CA GLU B 96 16.56 -1.32 17.75
C GLU B 96 18.00 -0.97 17.37
N LYS B 104 23.31 8.79 9.33
CA LYS B 104 22.33 9.87 9.35
C LYS B 104 21.02 9.46 8.68
N CYS B 105 19.92 9.44 9.41
CA CYS B 105 18.64 9.14 8.79
C CYS B 105 18.07 10.34 8.05
N TRP B 106 17.22 10.05 7.08
CA TRP B 106 16.55 11.06 6.28
C TRP B 106 15.10 11.13 6.70
N THR B 107 14.58 12.34 6.87
CA THR B 107 13.17 12.54 7.13
C THR B 107 12.42 12.76 5.82
N TRP B 108 11.10 12.65 5.88
CA TRP B 108 10.34 12.94 4.67
C TRP B 108 10.46 14.42 4.32
N ASP B 109 10.75 15.28 5.30
CA ASP B 109 11.11 16.67 5.00
C ASP B 109 12.31 16.73 4.06
N ASP B 110 13.37 15.99 4.38
CA ASP B 110 14.54 15.97 3.51
C ASP B 110 14.21 15.38 2.14
N ILE B 111 13.48 14.25 2.14
CA ILE B 111 13.27 13.52 0.90
C ILE B 111 12.41 14.36 -0.04
N MET B 112 11.33 14.94 0.49
CA MET B 112 10.48 15.80 -0.32
C MET B 112 11.24 16.94 -0.98
N LYS B 113 12.37 17.37 -0.41
CA LYS B 113 13.05 18.52 -0.95
C LYS B 113 14.10 18.12 -1.97
N LEU B 114 14.26 16.82 -2.24
CA LEU B 114 15.08 16.40 -3.37
C LEU B 114 14.44 16.85 -4.68
N GLU B 115 15.29 17.23 -5.63
CA GLU B 115 14.83 17.73 -6.92
C GLU B 115 14.87 16.60 -7.95
N ILE B 116 14.11 15.55 -7.67
CA ILE B 116 14.19 14.33 -8.48
C ILE B 116 13.74 14.59 -9.91
N ASP B 117 12.76 15.49 -10.10
CA ASP B 117 12.33 15.83 -11.45
C ASP B 117 13.45 16.43 -12.29
N GLU B 118 14.51 16.94 -11.69
CA GLU B 118 15.58 17.54 -12.48
C GLU B 118 16.44 16.50 -13.17
N ILE B 119 16.38 15.24 -12.74
CA ILE B 119 17.20 14.19 -13.35
C ILE B 119 16.39 13.06 -13.96
N ALA B 120 15.05 13.14 -13.95
CA ALA B 120 14.20 12.12 -14.55
C ALA B 120 13.95 12.45 -16.02
N ALA B 121 14.08 11.44 -16.89
CA ALA B 121 13.72 11.63 -18.30
C ALA B 121 12.22 11.93 -18.43
N PRO B 122 11.83 12.65 -19.49
CA PRO B 122 10.39 13.03 -19.61
C PRO B 122 9.47 11.84 -19.60
N ARG B 123 9.89 10.71 -20.14
CA ARG B 123 9.25 9.43 -19.95
C ARG B 123 10.15 8.62 -19.04
N SER B 124 9.68 8.28 -17.84
CA SER B 124 10.56 7.55 -16.94
C SER B 124 9.74 7.03 -15.78
N PHE B 125 10.42 6.29 -14.92
CA PHE B 125 9.78 5.56 -13.83
C PHE B 125 10.55 5.77 -12.55
N ILE B 126 9.85 5.62 -11.42
CA ILE B 126 10.50 5.74 -10.12
C ILE B 126 9.98 4.61 -9.25
N PHE B 127 10.85 4.12 -8.36
CA PHE B 127 10.50 3.11 -7.36
C PHE B 127 11.00 3.65 -6.05
N LEU B 128 10.08 3.96 -5.13
CA LEU B 128 10.39 4.67 -3.91
C LEU B 128 10.02 3.78 -2.72
N TRP B 129 11.04 3.33 -1.96
CA TRP B 129 10.81 2.61 -0.71
C TRP B 129 10.26 3.58 0.33
N CYS B 130 9.06 3.29 0.84
CA CYS B 130 8.31 4.21 1.69
C CYS B 130 8.15 3.68 3.11
N GLY B 131 8.59 2.46 3.37
CA GLY B 131 8.44 1.95 4.71
C GLY B 131 7.06 1.42 5.00
N SER B 132 6.56 1.68 6.20
CA SER B 132 5.30 1.15 6.65
C SER B 132 4.48 2.17 7.41
N GLY B 133 4.98 3.38 7.60
CA GLY B 133 4.29 4.37 8.37
C GLY B 133 3.84 5.55 7.54
N GLU B 134 4.19 6.75 8.00
CA GLU B 134 3.84 8.00 7.33
C GLU B 134 4.36 8.07 5.89
N GLY B 135 5.41 7.32 5.55
CA GLY B 135 5.89 7.32 4.18
C GLY B 135 4.87 6.82 3.14
N LEU B 136 3.88 6.04 3.57
CA LEU B 136 2.86 5.61 2.60
C LEU B 136 2.04 6.78 2.12
N ASP B 137 1.96 7.83 2.91
CA ASP B 137 1.28 9.05 2.50
C ASP B 137 2.26 10.05 1.92
N LEU B 138 3.37 10.30 2.63
CA LEU B 138 4.30 11.31 2.18
C LEU B 138 5.04 10.87 0.93
N GLY B 139 5.29 9.56 0.77
CA GLY B 139 5.89 9.12 -0.48
C GLY B 139 4.99 9.38 -1.68
N ARG B 140 3.68 9.33 -1.47
CA ARG B 140 2.76 9.68 -2.55
C ARG B 140 2.82 11.19 -2.83
N VAL B 141 2.93 12.01 -1.77
CA VAL B 141 3.12 13.44 -1.99
C VAL B 141 4.37 13.67 -2.82
N CYS B 142 5.46 12.97 -2.50
CA CYS B 142 6.72 13.11 -3.23
C CYS B 142 6.54 12.78 -4.70
N LEU B 143 5.95 11.60 -4.99
CA LEU B 143 5.76 11.20 -6.37
C LEU B 143 5.04 12.29 -7.16
N ARG B 144 3.96 12.84 -6.59
CA ARG B 144 3.24 13.90 -7.29
C ARG B 144 4.08 15.17 -7.41
N LYS B 145 4.87 15.49 -6.38
CA LYS B 145 5.70 16.68 -6.43
C LYS B 145 6.71 16.58 -7.56
N TRP B 146 7.27 15.38 -7.77
CA TRP B 146 8.25 15.15 -8.82
C TRP B 146 7.64 14.91 -10.18
N GLY B 147 6.31 14.86 -10.28
CA GLY B 147 5.65 14.74 -11.56
C GLY B 147 5.25 13.33 -11.96
N TYR B 148 5.24 12.38 -11.03
CA TYR B 148 4.82 11.02 -11.35
C TYR B 148 3.39 10.78 -10.90
N ARG B 149 2.77 9.77 -11.50
CA ARG B 149 1.55 9.18 -10.96
C ARG B 149 1.88 7.77 -10.51
N ARG B 150 1.32 7.35 -9.39
CA ARG B 150 1.57 6.00 -8.92
C ARG B 150 0.83 5.01 -9.81
N CYS B 151 1.53 4.00 -10.29
CA CYS B 151 0.89 2.94 -11.05
C CYS B 151 0.92 1.57 -10.39
N GLU B 152 1.79 1.32 -9.42
CA GLU B 152 1.76 0.06 -8.69
C GLU B 152 2.17 0.31 -7.24
N ASP B 153 1.73 -0.58 -6.36
CA ASP B 153 2.11 -0.54 -4.95
C ASP B 153 2.70 -1.92 -4.66
N ILE B 154 4.02 -2.01 -4.52
CA ILE B 154 4.70 -3.29 -4.36
C ILE B 154 4.97 -3.51 -2.89
N CYS B 155 4.47 -4.60 -2.34
CA CYS B 155 4.52 -4.86 -0.91
CA CYS B 155 4.54 -4.84 -0.91
C CYS B 155 5.57 -5.92 -0.62
N TRP B 156 6.56 -5.58 0.20
CA TRP B 156 7.52 -6.55 0.72
C TRP B 156 6.95 -7.08 2.04
N ILE B 157 6.50 -8.33 2.00
CA ILE B 157 5.86 -8.99 3.14
C ILE B 157 6.93 -9.81 3.82
N LYS B 158 7.11 -9.60 5.12
CA LYS B 158 8.18 -10.24 5.86
C LYS B 158 7.65 -11.38 6.73
N THR B 159 8.15 -12.60 6.49
CA THR B 159 7.79 -13.72 7.33
C THR B 159 8.66 -13.74 8.60
N ASN B 160 8.21 -14.50 9.59
CA ASN B 160 8.97 -14.65 10.83
C ASN B 160 9.06 -16.12 11.22
N LYS B 161 9.25 -16.98 10.21
CA LYS B 161 9.36 -18.43 10.43
C LYS B 161 10.43 -18.76 11.47
N ASN B 162 11.54 -18.04 11.45
CA ASN B 162 12.66 -18.35 12.34
C ASN B 162 12.54 -17.69 13.69
N ASN B 163 11.55 -16.85 13.92
CA ASN B 163 11.41 -16.26 15.24
C ASN B 163 9.97 -15.88 15.55
N PRO B 164 9.01 -16.83 15.61
CA PRO B 164 7.61 -16.59 15.98
C PRO B 164 7.43 -15.66 17.17
N THR B 169 7.96 -4.10 18.85
CA THR B 169 7.71 -2.75 19.37
C THR B 169 6.90 -1.93 18.38
N LEU B 170 5.80 -1.34 18.84
CA LEU B 170 4.85 -0.67 17.98
C LEU B 170 5.11 0.84 17.95
N ASP B 171 4.98 1.43 16.76
CA ASP B 171 4.88 2.87 16.64
C ASP B 171 3.65 3.32 17.44
N PRO B 172 3.75 4.44 18.18
CA PRO B 172 2.60 4.91 18.98
C PRO B 172 1.29 4.98 18.22
N LYS B 173 1.31 5.37 16.95
CA LYS B 173 0.09 5.49 16.17
C LYS B 173 -0.39 4.17 15.60
N ALA B 174 0.44 3.13 15.65
CA ALA B 174 0.08 1.87 15.01
C ALA B 174 -1.11 1.22 15.70
N VAL B 175 -1.97 0.60 14.89
CA VAL B 175 -3.13 -0.15 15.35
C VAL B 175 -2.77 -1.64 15.30
N PHE B 176 -1.88 -1.99 14.39
CA PHE B 176 -1.50 -3.37 14.18
C PHE B 176 0.02 -3.51 14.18
N GLN B 177 0.47 -4.75 14.35
CA GLN B 177 1.88 -5.05 14.15
C GLN B 177 2.21 -4.92 12.66
N ARG B 178 3.25 -4.14 12.36
CA ARG B 178 3.66 -3.84 10.99
C ARG B 178 4.67 -4.88 10.54
N THR B 179 4.31 -5.67 9.51
CA THR B 179 5.11 -6.80 9.04
C THR B 179 5.45 -6.69 7.56
N LYS B 180 5.40 -5.49 7.00
CA LYS B 180 5.61 -5.30 5.59
C LYS B 180 6.17 -3.90 5.35
N GLU B 181 6.76 -3.72 4.17
CA GLU B 181 7.17 -2.42 3.67
C GLU B 181 6.62 -2.24 2.26
N HIS B 182 6.41 -0.98 1.86
CA HIS B 182 5.88 -0.66 0.54
C HIS B 182 6.93 0.03 -0.32
N CYS B 183 7.01 -0.38 -1.58
CA CYS B 183 7.82 0.27 -2.62
C CYS B 183 6.85 0.76 -3.69
N LEU B 184 6.69 2.08 -3.80
CA LEU B 184 5.71 2.64 -4.73
C LEU B 184 6.35 2.86 -6.10
N MET B 185 5.62 2.46 -7.13
CA MET B 185 6.09 2.63 -8.51
C MET B 185 5.31 3.76 -9.17
N GLY B 186 6.03 4.70 -9.75
CA GLY B 186 5.43 5.87 -10.35
C GLY B 186 5.93 6.01 -11.76
N ILE B 187 5.09 6.61 -12.60
CA ILE B 187 5.34 6.77 -14.02
C ILE B 187 5.17 8.24 -14.39
N LYS B 188 5.99 8.72 -15.32
CA LYS B 188 5.82 10.07 -15.80
C LYS B 188 5.97 10.04 -17.31
N GLY B 189 5.15 10.83 -17.98
CA GLY B 189 5.09 10.80 -19.42
C GLY B 189 4.02 9.83 -19.87
N THR B 190 4.15 9.39 -21.12
CA THR B 190 3.21 8.44 -21.70
C THR B 190 3.80 7.04 -21.61
N VAL B 191 3.04 6.12 -21.02
CA VAL B 191 3.43 4.71 -20.84
C VAL B 191 4.91 4.56 -20.52
N VAL B 204 3.72 -11.46 -16.16
CA VAL B 204 5.08 -11.21 -15.73
C VAL B 204 5.23 -11.41 -14.20
N ASP B 205 5.44 -10.32 -13.48
CA ASP B 205 5.62 -10.39 -12.04
C ASP B 205 4.34 -10.01 -11.30
N ILE B 206 4.40 -10.18 -9.98
CA ILE B 206 3.32 -9.83 -9.08
C ILE B 206 3.83 -8.72 -8.15
N ASP B 207 2.89 -7.96 -7.60
CA ASP B 207 3.24 -6.83 -6.73
C ASP B 207 3.54 -7.22 -5.29
N LEU B 208 4.20 -8.37 -5.09
CA LEU B 208 4.47 -8.94 -3.78
C LEU B 208 5.87 -9.54 -3.79
N ILE B 209 6.62 -9.25 -2.73
CA ILE B 209 7.90 -9.89 -2.43
C ILE B 209 7.80 -10.47 -1.04
N ILE B 210 8.06 -11.78 -0.91
CA ILE B 210 7.93 -12.46 0.37
C ILE B 210 9.28 -13.05 0.75
N THR B 211 9.87 -12.53 1.82
CA THR B 211 11.11 -13.06 2.39
C THR B 211 11.04 -12.96 3.91
N GLU B 212 12.02 -13.59 4.55
CA GLU B 212 12.08 -13.57 6.00
C GLU B 212 12.58 -12.22 6.49
N GLU B 213 12.03 -11.79 7.63
CA GLU B 213 12.45 -10.51 8.20
C GLU B 213 13.93 -10.53 8.50
N PRO B 214 14.73 -9.60 7.95
CA PRO B 214 16.16 -9.59 8.24
C PRO B 214 16.43 -9.41 9.73
N GLU B 215 17.66 -9.72 10.12
CA GLU B 215 18.09 -9.51 11.50
C GLU B 215 18.03 -8.04 11.85
N ILE B 216 17.88 -7.77 13.16
CA ILE B 216 17.89 -6.39 13.64
C ILE B 216 19.18 -5.70 13.17
N GLY B 217 19.05 -4.43 12.78
CA GLY B 217 20.19 -3.68 12.27
C GLY B 217 20.46 -3.82 10.79
N ASN B 218 19.83 -4.78 10.12
CA ASN B 218 19.96 -4.95 8.68
C ASN B 218 18.89 -4.12 7.97
N ILE B 219 19.33 -3.15 7.16
CA ILE B 219 18.41 -2.27 6.44
C ILE B 219 18.24 -2.65 4.98
N GLU B 220 18.83 -3.76 4.55
CA GLU B 220 18.79 -4.12 3.15
C GLU B 220 17.37 -4.42 2.69
N LYS B 221 17.05 -3.99 1.48
CA LYS B 221 15.79 -4.37 0.87
C LYS B 221 16.01 -5.59 0.01
N PRO B 222 14.96 -6.37 -0.25
CA PRO B 222 15.14 -7.60 -1.06
C PRO B 222 15.62 -7.30 -2.47
N VAL B 223 16.70 -7.99 -2.88
CA VAL B 223 17.23 -7.85 -4.22
C VAL B 223 16.17 -8.15 -5.28
N GLU B 224 15.09 -8.82 -4.90
CA GLU B 224 14.05 -9.14 -5.86
C GLU B 224 13.45 -7.89 -6.48
N ILE B 225 13.56 -6.74 -5.80
CA ILE B 225 13.02 -5.51 -6.38
C ILE B 225 13.75 -5.19 -7.68
N PHE B 226 15.06 -5.49 -7.74
CA PHE B 226 15.82 -5.25 -8.96
C PHE B 226 15.33 -6.14 -10.10
N HIS B 227 14.99 -7.40 -9.79
CA HIS B 227 14.45 -8.30 -10.80
C HIS B 227 13.16 -7.76 -11.38
N ILE B 228 12.21 -7.39 -10.52
CA ILE B 228 10.94 -6.82 -10.98
C ILE B 228 11.22 -5.62 -11.90
N ILE B 229 12.02 -4.68 -11.42
CA ILE B 229 12.32 -3.47 -12.20
C ILE B 229 12.93 -3.84 -13.55
N GLU B 230 13.94 -4.72 -13.53
CA GLU B 230 14.61 -5.02 -14.78
C GLU B 230 13.71 -5.78 -15.75
N HIS B 231 12.78 -6.60 -15.23
CA HIS B 231 11.85 -7.34 -16.08
C HIS B 231 10.86 -6.45 -16.79
N PHE B 232 10.68 -5.20 -16.35
CA PHE B 232 9.77 -4.29 -17.04
C PHE B 232 10.34 -3.78 -18.35
N CYS B 233 11.66 -3.89 -18.54
CA CYS B 233 12.32 -3.44 -19.79
C CYS B 233 12.06 -1.96 -20.07
N LEU B 234 12.42 -1.11 -19.12
CA LEU B 234 12.09 0.32 -19.18
C LEU B 234 13.18 1.20 -19.76
N GLY B 235 14.28 0.64 -20.23
CA GLY B 235 15.41 1.44 -20.63
C GLY B 235 16.60 1.22 -19.72
N ARG B 236 17.74 1.75 -20.15
CA ARG B 236 19.02 1.28 -19.63
C ARG B 236 19.68 2.27 -18.69
N ARG B 237 19.19 3.51 -18.61
CA ARG B 237 19.77 4.47 -17.69
C ARG B 237 19.06 4.30 -16.35
N ARG B 238 19.70 3.59 -15.43
CA ARG B 238 19.07 3.21 -14.18
C ARG B 238 19.90 3.74 -13.02
N LEU B 239 19.26 4.54 -12.16
CA LEU B 239 19.89 5.19 -11.02
C LEU B 239 19.34 4.59 -9.73
N HIS B 240 20.22 4.24 -8.80
CA HIS B 240 19.82 3.81 -7.46
C HIS B 240 20.41 4.78 -6.44
N LEU B 241 19.54 5.67 -5.92
CA LEU B 241 19.98 6.68 -4.95
C LEU B 241 19.88 6.11 -3.54
N PHE B 242 20.93 6.35 -2.75
CA PHE B 242 21.11 5.77 -1.40
C PHE B 242 21.44 4.28 -1.46
N GLY B 243 22.03 3.85 -2.56
CA GLY B 243 22.57 2.51 -2.64
C GLY B 243 23.84 2.43 -1.81
N ARG B 244 24.41 1.23 -1.75
CA ARG B 244 25.57 0.96 -0.91
C ARG B 244 26.54 0.08 -1.68
N ASP B 245 27.75 -0.12 -1.13
CA ASP B 245 28.69 -1.02 -1.78
C ASP B 245 28.01 -2.33 -2.07
N SER B 246 27.16 -2.78 -1.14
CA SER B 246 26.49 -4.08 -1.20
C SER B 246 25.38 -4.15 -2.25
N THR B 247 24.90 -3.03 -2.77
CA THR B 247 23.82 -3.06 -3.74
C THR B 247 24.29 -2.81 -5.17
N ILE B 248 25.57 -2.54 -5.35
CA ILE B 248 26.08 -2.23 -6.69
C ILE B 248 25.83 -3.41 -7.62
N ARG B 249 25.48 -3.11 -8.86
CA ARG B 249 24.86 -4.11 -9.73
C ARG B 249 25.11 -3.73 -11.18
N PRO B 250 25.42 -4.69 -12.05
CA PRO B 250 25.53 -4.38 -13.47
C PRO B 250 24.25 -3.75 -13.96
N GLY B 251 24.38 -2.78 -14.86
CA GLY B 251 23.22 -2.13 -15.39
C GLY B 251 22.70 -0.97 -14.56
N TRP B 252 23.38 -0.62 -13.46
CA TRP B 252 22.90 0.40 -12.56
C TRP B 252 24.03 1.37 -12.27
N LEU B 253 23.66 2.65 -12.15
CA LEU B 253 24.49 3.66 -11.51
C LEU B 253 24.01 3.82 -10.08
N THR B 254 24.90 3.60 -9.12
CA THR B 254 24.58 3.62 -7.70
C THR B 254 25.22 4.84 -7.05
N VAL B 255 24.42 5.63 -6.34
CA VAL B 255 24.90 6.88 -5.75
C VAL B 255 24.46 6.93 -4.29
N GLY B 256 25.41 7.14 -3.38
CA GLY B 256 25.09 7.13 -1.98
C GLY B 256 26.23 7.62 -1.11
N PRO B 257 25.92 8.03 0.12
CA PRO B 257 26.95 8.59 1.00
C PRO B 257 27.92 7.57 1.57
N THR B 258 27.54 6.30 1.68
CA THR B 258 28.41 5.34 2.35
C THR B 258 29.29 4.56 1.39
N LEU B 259 29.23 4.82 0.07
CA LEU B 259 30.08 4.06 -0.84
C LEU B 259 31.54 4.33 -0.49
N THR B 260 32.35 3.28 -0.57
CA THR B 260 33.76 3.43 -0.25
C THR B 260 34.59 3.84 -1.45
N ASN B 261 34.11 3.59 -2.66
CA ASN B 261 34.82 3.88 -3.89
C ASN B 261 33.85 4.45 -4.91
N SER B 262 34.43 5.12 -5.92
CA SER B 262 33.68 5.70 -7.02
C SER B 262 34.37 5.34 -8.33
N ASN B 263 33.57 5.20 -9.40
CA ASN B 263 34.14 5.11 -10.74
C ASN B 263 33.34 5.94 -11.72
N TYR B 264 32.43 6.78 -11.23
CA TYR B 264 31.51 7.49 -12.11
C TYR B 264 32.25 8.59 -12.86
N ASN B 265 32.02 8.65 -14.16
CA ASN B 265 32.45 9.74 -15.03
C ASN B 265 31.27 10.02 -15.94
N ALA B 266 30.76 11.26 -15.91
CA ALA B 266 29.54 11.56 -16.65
C ALA B 266 29.69 11.32 -18.15
N GLU B 267 30.85 11.64 -18.68
CA GLU B 267 31.06 11.46 -20.12
C GLU B 267 31.17 9.98 -20.47
N THR B 268 31.91 9.20 -19.68
CA THR B 268 31.93 7.76 -19.89
C THR B 268 30.54 7.14 -19.75
N TYR B 269 29.79 7.55 -18.72
CA TYR B 269 28.45 7.00 -18.55
C TYR B 269 27.55 7.33 -19.74
N ALA B 270 27.58 8.59 -20.20
CA ALA B 270 26.77 8.98 -21.35
C ALA B 270 27.13 8.17 -22.59
N SER B 271 28.41 7.80 -22.72
CA SER B 271 28.86 7.06 -23.88
C SER B 271 28.22 5.68 -23.99
N TYR B 272 27.69 5.14 -22.89
CA TYR B 272 26.99 3.84 -22.98
C TYR B 272 25.68 3.94 -23.73
N PHE B 273 25.10 5.14 -23.83
CA PHE B 273 23.78 5.32 -24.40
C PHE B 273 23.79 6.15 -25.69
N SER B 274 24.97 6.53 -26.17
CA SER B 274 25.03 7.23 -27.44
C SER B 274 24.61 6.29 -28.58
N ALA B 275 24.17 6.90 -29.69
CA ALA B 275 23.74 6.19 -30.89
C ALA B 275 24.75 5.11 -31.26
N PRO B 276 24.30 3.93 -31.74
CA PRO B 276 22.90 3.60 -32.04
C PRO B 276 22.11 3.02 -30.85
N ASN B 277 22.55 3.22 -29.61
CA ASN B 277 21.94 2.56 -28.46
C ASN B 277 21.06 3.46 -27.61
N SER B 278 20.52 4.54 -28.18
CA SER B 278 19.88 5.59 -27.36
C SER B 278 18.55 5.13 -26.76
N TYR B 279 17.84 4.21 -27.41
CA TYR B 279 16.48 3.87 -26.98
C TYR B 279 16.28 2.38 -26.71
N LEU B 280 17.34 1.62 -26.49
CA LEU B 280 17.17 0.22 -26.14
C LEU B 280 16.40 0.09 -24.83
N THR B 281 15.61 -0.98 -24.73
CA THR B 281 14.83 -1.26 -23.54
C THR B 281 15.64 -1.93 -22.43
N GLY B 282 16.84 -2.41 -22.73
CA GLY B 282 17.53 -3.29 -21.82
C GLY B 282 17.11 -4.74 -21.90
N CYS B 283 16.19 -5.09 -22.79
CA CYS B 283 15.73 -6.46 -22.96
C CYS B 283 15.93 -6.98 -24.37
N THR B 284 16.68 -6.29 -25.21
CA THR B 284 16.89 -6.70 -26.59
C THR B 284 18.38 -6.93 -26.85
N GLU B 285 18.67 -7.55 -27.99
CA GLU B 285 20.05 -7.85 -28.36
C GLU B 285 20.82 -6.55 -28.62
N GLU B 286 22.12 -6.60 -28.33
CA GLU B 286 22.98 -5.47 -28.63
C GLU B 286 23.05 -5.25 -30.14
N ILE B 287 23.21 -4.00 -30.55
CA ILE B 287 23.35 -3.67 -31.96
C ILE B 287 24.80 -3.92 -32.38
N GLU B 288 24.98 -4.77 -33.38
CA GLU B 288 26.30 -5.22 -33.82
C GLU B 288 27.24 -4.06 -34.19
C10 UE2 C . -18.50 -3.64 -2.72
C13 UE2 C . -19.23 -4.18 -3.74
C17 UE2 C . -23.71 -2.67 -3.07
C20 UE2 C . -23.64 -0.13 -4.70
C21 UE2 C . -23.37 -1.29 -2.43
C01 UE2 C . -12.43 -6.34 -0.43
C02 UE2 C . -12.79 -6.17 -1.92
C03 UE2 C . -12.27 -7.38 -2.76
C04 UE2 C . -14.32 -6.20 -2.05
C05 UE2 C . -14.72 -5.42 -3.38
C07 UE2 C . -15.00 -3.43 -4.26
C08 UE2 C . -16.52 -3.69 -4.11
C09 UE2 C . -17.15 -3.39 -2.90
C11 UE2 C . -17.26 -4.21 -5.15
C12 UE2 C . -18.63 -4.47 -4.96
C14 UE2 C . -20.75 -4.41 -3.49
C16 UE2 C . -22.90 -3.78 -2.30
C18 UE2 C . -23.35 -2.62 -4.54
C19 UE2 C . -24.14 -1.48 -5.22
C23 UE2 C . -24.56 0.96 -2.60
C25 UE2 C . -25.75 1.89 -0.82
C27 UE2 C . -25.44 3.12 -2.77
C29 UE2 C . -25.71 4.23 -5.02
C30 UE2 C . -24.74 2.09 -3.32
C33 UE2 C . -13.02 -4.17 -3.57
C34 UE2 C . -12.18 -4.88 -2.47
N06 UE2 C . -14.31 -4.19 -3.34
N15 UE2 C . -21.44 -3.53 -2.51
N22 UE2 C . -23.81 -0.14 -3.23
N24 UE2 C . -25.06 0.84 -1.37
N26 UE2 C . -25.93 3.02 -1.52
N28 UE2 C . -25.62 4.33 -3.57
O31 UE2 C . -25.05 -2.97 -2.89
O32 UE2 C . -21.36 -5.26 -4.05
C ACT D . -0.37 9.61 -7.20
O ACT D . -0.37 9.00 -8.29
OXT ACT D . -1.17 10.45 -6.79
CH3 ACT D . 0.82 9.32 -6.19
#